data_7KCO
#
_entry.id   7KCO
#
_cell.length_a   66.193
_cell.length_b   86.114
_cell.length_c   91.557
_cell.angle_alpha   90.000
_cell.angle_beta   90.000
_cell.angle_gamma   90.000
#
_symmetry.space_group_name_H-M   'P 21 21 21'
#
loop_
_entity.id
_entity.type
_entity.pdbx_description
1 polymer 'Nuclear receptor ROR-gamma'
2 polymer 'Peptide GLU-LYS-HIS-LYS-ILE-LEU-HIS-ARG-LEU-LEU-GLN-ASP-SER'
3 non-polymer "1-[(2-chlorophenyl)methyl]-N-{[4-(methylsulfonyl)phenyl]methyl}-4',5'-dihydrospiro[piperidine-4,7'-thieno[2,3-c]pyran]-2'-carboxamide"
4 non-polymer GLYCEROL
5 water water
#
loop_
_entity_poly.entity_id
_entity_poly.type
_entity_poly.pdbx_seq_one_letter_code
_entity_poly.pdbx_strand_id
1 'polypeptide(L)'
;SLAPYASLTEIEHLVQSVCKSYRETCQLRLEDLLRQRSNIFSREEVTGYQRKSMWEMWERCAHHLTEAIQYVVEFAKRLS
GFMELCQNDQIVLLKAGAMEVVLVRMCRAYNADNRTVFFEGKYGGMELFRALGCSELISSIFDFSHSLSALHFSEDEIAL
YTALVLINAHRPGLQEKRKVEQLQYNLELAFHHHLCKTHRQSILAKLPPKGKLRSLCSQHVERLQIFQHLHPIVVQAAFP
PLYKELFS
;
A,B
2 'polypeptide(L)' EKHKILHRLLQDS C,D
#
# COMPACT_ATOMS: atom_id res chain seq x y z
N SER A 1 2.84 20.62 27.18
CA SER A 1 2.75 20.60 28.63
C SER A 1 1.37 21.06 29.13
N LEU A 2 0.89 20.46 30.23
CA LEU A 2 -0.39 20.83 30.84
C LEU A 2 -0.21 21.77 32.08
N ALA A 3 1.01 22.27 32.30
CA ALA A 3 1.31 23.12 33.45
C ALA A 3 0.53 24.42 33.40
N PRO A 4 -0.26 24.75 34.46
CA PRO A 4 -0.92 26.06 34.47
C PRO A 4 0.14 27.15 34.69
N TYR A 5 -0.12 28.37 34.17
CA TYR A 5 0.84 29.48 34.32
C TYR A 5 2.26 29.13 33.89
N ALA A 6 2.40 28.50 32.70
CA ALA A 6 3.71 28.09 32.19
C ALA A 6 4.64 29.28 32.06
N SER A 7 5.81 29.18 32.67
CA SER A 7 6.78 30.29 32.63
C SER A 7 7.43 30.42 31.25
N LEU A 8 8.21 31.48 31.02
CA LEU A 8 8.89 31.67 29.74
C LEU A 8 9.88 30.54 29.50
N THR A 9 10.58 30.06 30.57
CA THR A 9 11.48 28.92 30.44
C THR A 9 10.72 27.65 30.00
N GLU A 10 9.52 27.40 30.56
CA GLU A 10 8.73 26.25 30.18
C GLU A 10 8.22 26.36 28.76
N ILE A 11 7.85 27.57 28.32
N ILE A 11 7.85 27.57 28.32
CA ILE A 11 7.37 27.77 26.95
CA ILE A 11 7.36 27.75 26.96
C ILE A 11 8.52 27.55 25.97
C ILE A 11 8.51 27.59 25.95
N GLU A 12 9.74 28.06 26.27
CA GLU A 12 10.90 27.83 25.39
C GLU A 12 11.25 26.30 25.33
N HIS A 13 11.12 25.59 26.46
CA HIS A 13 11.37 24.16 26.48
C HIS A 13 10.29 23.42 25.67
N LEU A 14 9.02 23.90 25.70
CA LEU A 14 7.94 23.31 24.95
C LEU A 14 8.15 23.51 23.44
N VAL A 15 8.67 24.69 23.00
CA VAL A 15 9.01 24.90 21.58
C VAL A 15 10.02 23.81 21.14
N GLN A 16 11.07 23.62 21.94
CA GLN A 16 12.08 22.61 21.63
C GLN A 16 11.52 21.18 21.62
N SER A 17 10.65 20.88 22.55
CA SER A 17 10.05 19.55 22.67
C SER A 17 9.16 19.25 21.45
N VAL A 18 8.28 20.18 21.07
CA VAL A 18 7.40 20.00 19.93
C VAL A 18 8.18 19.82 18.62
N CYS A 19 9.22 20.64 18.41
CA CYS A 19 10.05 20.54 17.23
C CYS A 19 10.77 19.20 17.17
N LYS A 20 11.28 18.71 18.31
CA LYS A 20 11.91 17.40 18.34
C LYS A 20 10.91 16.25 18.08
N SER A 21 9.68 16.29 18.66
CA SER A 21 8.69 15.24 18.41
C SER A 21 8.34 15.18 16.92
N TYR A 22 8.22 16.35 16.27
CA TYR A 22 7.93 16.40 14.85
C TYR A 22 9.11 15.83 14.04
N ARG A 23 10.37 16.27 14.31
CA ARG A 23 11.53 15.77 13.58
C ARG A 23 11.64 14.24 13.63
N GLU A 24 11.28 13.63 14.78
CA GLU A 24 11.37 12.17 14.95
C GLU A 24 10.28 11.39 14.23
N THR A 25 9.22 12.06 13.74
CA THR A 25 8.05 11.43 13.14
C THR A 25 7.62 12.15 11.86
N CYS A 26 8.51 12.92 11.22
CA CYS A 26 8.15 13.70 10.01
C CYS A 26 7.95 12.86 8.77
N GLN A 27 8.19 11.53 8.85
CA GLN A 27 7.99 10.54 7.78
C GLN A 27 9.10 10.62 6.71
N LEU A 28 9.19 11.74 5.98
CA LEU A 28 10.28 11.91 5.01
C LEU A 28 11.07 13.16 5.35
N ARG A 29 12.41 13.12 5.25
CA ARG A 29 13.21 14.31 5.51
C ARG A 29 12.95 15.28 4.40
N LEU A 30 12.95 16.56 4.73
CA LEU A 30 12.68 17.61 3.75
C LEU A 30 13.73 17.60 2.64
N GLU A 31 15.00 17.35 3.00
CA GLU A 31 16.06 17.30 1.98
C GLU A 31 15.86 16.17 0.97
N ASP A 32 15.23 15.05 1.38
CA ASP A 32 14.95 13.93 0.48
C ASP A 32 13.83 14.32 -0.51
N LEU A 33 12.78 14.98 -0.03
CA LEU A 33 11.69 15.45 -0.92
C LEU A 33 12.24 16.45 -1.92
N LEU A 34 13.12 17.36 -1.48
CA LEU A 34 13.70 18.37 -2.36
C LEU A 34 14.64 17.73 -3.37
N ARG A 35 15.47 16.78 -2.94
CA ARG A 35 16.37 16.07 -3.85
C ARG A 35 15.63 15.33 -4.98
N GLN A 36 14.37 14.95 -4.76
CA GLN A 36 13.62 14.19 -5.77
C GLN A 36 12.78 15.05 -6.71
N ARG A 37 12.90 16.37 -6.65
CA ARG A 37 12.11 17.28 -7.47
C ARG A 37 12.29 17.10 -8.96
N SER A 38 13.42 16.55 -9.40
CA SER A 38 13.67 16.30 -10.82
C SER A 38 13.11 14.93 -11.29
N ASN A 39 12.65 14.08 -10.34
CA ASN A 39 12.07 12.78 -10.63
C ASN A 39 10.58 12.98 -10.82
N ILE A 40 10.15 13.20 -12.06
CA ILE A 40 8.76 13.45 -12.42
C ILE A 40 8.24 12.32 -13.28
N PHE A 41 6.97 11.93 -13.11
CA PHE A 41 6.39 10.85 -13.89
C PHE A 41 6.40 11.19 -15.38
N SER A 42 6.77 10.24 -16.21
CA SER A 42 6.75 10.47 -17.66
C SER A 42 5.30 10.50 -18.16
N ARG A 43 5.07 10.92 -19.41
CA ARG A 43 3.73 10.96 -19.97
C ARG A 43 3.13 9.54 -20.04
N GLU A 44 3.96 8.52 -20.34
CA GLU A 44 3.47 7.15 -20.41
C GLU A 44 3.08 6.66 -19.00
N GLU A 45 3.83 7.06 -17.97
CA GLU A 45 3.51 6.69 -16.59
C GLU A 45 2.22 7.36 -16.18
N VAL A 46 2.01 8.62 -16.54
CA VAL A 46 0.75 9.31 -16.22
C VAL A 46 -0.43 8.58 -16.86
N THR A 47 -0.29 8.20 -18.15
CA THR A 47 -1.33 7.46 -18.89
C THR A 47 -1.62 6.14 -18.21
N GLY A 48 -0.58 5.47 -17.70
CA GLY A 48 -0.69 4.24 -16.96
C GLY A 48 -1.52 4.41 -15.70
N TYR A 49 -1.28 5.49 -14.93
CA TYR A 49 -2.07 5.77 -13.72
C TYR A 49 -3.51 6.06 -14.10
N GLN A 50 -3.74 6.83 -15.18
CA GLN A 50 -5.08 7.18 -15.59
C GLN A 50 -5.90 5.99 -16.12
N ARG A 51 -5.23 4.94 -16.56
CA ARG A 51 -5.82 3.70 -17.07
C ARG A 51 -6.17 2.71 -15.95
N LYS A 52 -5.61 2.90 -14.74
CA LYS A 52 -5.86 2.00 -13.61
C LYS A 52 -7.31 1.96 -13.26
N SER A 53 -7.77 0.83 -12.71
CA SER A 53 -9.15 0.73 -12.27
C SER A 53 -9.35 1.65 -11.05
N MET A 54 -10.60 2.11 -10.84
CA MET A 54 -10.93 2.95 -9.69
C MET A 54 -10.57 2.24 -8.38
N TRP A 55 -10.84 0.93 -8.29
CA TRP A 55 -10.57 0.20 -7.04
C TRP A 55 -9.09 0.16 -6.75
N GLU A 56 -8.25 -0.03 -7.79
CA GLU A 56 -6.81 -0.13 -7.56
C GLU A 56 -6.23 1.21 -7.11
N MET A 57 -6.69 2.30 -7.71
CA MET A 57 -6.21 3.63 -7.36
C MET A 57 -6.69 4.03 -5.97
N TRP A 58 -7.96 3.70 -5.60
CA TRP A 58 -8.44 4.00 -4.24
C TRP A 58 -7.65 3.23 -3.21
N GLU A 59 -7.33 1.99 -3.50
CA GLU A 59 -6.61 1.12 -2.54
C GLU A 59 -5.20 1.65 -2.32
N ARG A 60 -4.51 2.07 -3.40
CA ARG A 60 -3.17 2.65 -3.26
C ARG A 60 -3.20 3.92 -2.41
N CYS A 61 -4.11 4.86 -2.70
CA CYS A 61 -4.20 6.10 -1.93
C CYS A 61 -4.58 5.85 -0.48
N ALA A 62 -5.46 4.86 -0.22
CA ALA A 62 -5.84 4.56 1.17
C ALA A 62 -4.63 4.01 1.93
N HIS A 63 -3.81 3.20 1.26
CA HIS A 63 -2.59 2.69 1.88
C HIS A 63 -1.61 3.85 2.21
N HIS A 64 -1.33 4.73 1.24
CA HIS A 64 -0.40 5.85 1.46
C HIS A 64 -0.89 6.81 2.51
N LEU A 65 -2.19 7.09 2.53
CA LEU A 65 -2.77 7.96 3.56
C LEU A 65 -2.65 7.28 4.93
N THR A 66 -2.90 5.98 5.01
CA THR A 66 -2.77 5.25 6.28
C THR A 66 -1.35 5.29 6.79
N GLU A 67 -0.35 5.11 5.91
CA GLU A 67 1.05 5.19 6.35
C GLU A 67 1.36 6.60 6.91
N ALA A 68 0.86 7.66 6.26
CA ALA A 68 1.08 9.03 6.75
C ALA A 68 0.39 9.24 8.10
N ILE A 69 -0.84 8.68 8.29
CA ILE A 69 -1.57 8.77 9.56
C ILE A 69 -0.82 8.01 10.66
N GLN A 70 -0.18 6.88 10.34
CA GLN A 70 0.58 6.13 11.33
C GLN A 70 1.72 7.00 11.93
N TYR A 71 2.35 7.84 11.10
CA TYR A 71 3.37 8.77 11.61
C TYR A 71 2.75 9.87 12.49
N VAL A 72 1.53 10.34 12.15
CA VAL A 72 0.86 11.36 12.95
C VAL A 72 0.45 10.78 14.33
N VAL A 73 0.08 9.49 14.37
CA VAL A 73 -0.26 8.83 15.64
C VAL A 73 1.01 8.80 16.51
N GLU A 74 2.16 8.48 15.92
CA GLU A 74 3.42 8.47 16.69
C GLU A 74 3.84 9.90 17.11
N PHE A 75 3.53 10.91 16.29
CA PHE A 75 3.77 12.32 16.62
C PHE A 75 2.96 12.65 17.91
N ALA A 76 1.67 12.31 17.90
CA ALA A 76 0.79 12.54 19.05
C ALA A 76 1.31 11.81 20.31
N LYS A 77 1.68 10.53 20.19
CA LYS A 77 2.23 9.79 21.33
C LYS A 77 3.48 10.42 21.92
N ARG A 78 4.29 11.13 21.11
CA ARG A 78 5.49 11.80 21.61
C ARG A 78 5.28 13.28 21.98
N LEU A 79 4.11 13.83 21.67
CA LEU A 79 3.82 15.23 21.88
C LEU A 79 3.63 15.52 23.35
N SER A 80 4.37 16.51 23.88
N SER A 80 4.37 16.50 23.88
CA SER A 80 4.28 16.93 25.29
CA SER A 80 4.31 16.92 25.30
C SER A 80 2.84 17.10 25.79
C SER A 80 2.86 17.11 25.79
N GLY A 81 2.46 16.33 26.79
CA GLY A 81 1.10 16.40 27.35
C GLY A 81 0.01 15.50 26.78
N PHE A 82 0.12 15.07 25.50
CA PHE A 82 -0.94 14.28 24.86
C PHE A 82 -1.31 13.01 25.63
N MET A 83 -0.31 12.24 26.09
CA MET A 83 -0.59 11.00 26.79
C MET A 83 -1.10 11.20 28.22
N GLU A 84 -1.14 12.45 28.71
CA GLU A 84 -1.74 12.80 30.01
C GLU A 84 -3.25 13.11 29.88
N LEU A 85 -3.77 13.23 28.64
CA LEU A 85 -5.19 13.41 28.43
C LEU A 85 -5.87 12.04 28.64
N CYS A 86 -7.19 12.03 28.89
CA CYS A 86 -7.88 10.75 29.08
C CYS A 86 -7.94 9.98 27.76
N GLN A 87 -8.01 8.64 27.83
CA GLN A 87 -8.06 7.76 26.66
C GLN A 87 -9.10 8.17 25.64
N ASN A 88 -10.30 8.53 26.11
CA ASN A 88 -11.36 8.96 25.23
C ASN A 88 -10.94 10.20 24.42
N ASP A 89 -10.35 11.21 25.09
CA ASP A 89 -9.98 12.46 24.43
C ASP A 89 -8.85 12.27 23.45
N GLN A 90 -7.89 11.40 23.75
CA GLN A 90 -6.82 11.05 22.82
C GLN A 90 -7.41 10.48 21.51
N ILE A 91 -8.42 9.58 21.62
CA ILE A 91 -9.06 9.00 20.48
C ILE A 91 -9.90 10.04 19.75
N VAL A 92 -10.67 10.88 20.48
CA VAL A 92 -11.47 11.92 19.83
C VAL A 92 -10.53 12.89 19.03
N LEU A 93 -9.39 13.28 19.60
CA LEU A 93 -8.47 14.19 18.94
C LEU A 93 -7.86 13.57 17.67
N LEU A 94 -7.40 12.32 17.76
CA LEU A 94 -6.82 11.66 16.59
C LEU A 94 -7.85 11.35 15.50
N LYS A 95 -9.06 10.92 15.89
CA LYS A 95 -10.08 10.58 14.90
C LYS A 95 -10.47 11.81 14.07
N ALA A 96 -10.54 12.99 14.73
CA ALA A 96 -10.90 14.19 13.98
C ALA A 96 -9.71 14.91 13.34
N GLY A 97 -8.53 14.77 13.94
CA GLY A 97 -7.37 15.54 13.50
C GLY A 97 -6.26 14.84 12.74
N ALA A 98 -6.14 13.49 12.77
CA ALA A 98 -5.02 12.85 12.03
C ALA A 98 -5.03 13.19 10.55
N MET A 99 -6.20 13.11 9.90
CA MET A 99 -6.31 13.48 8.48
C MET A 99 -5.92 14.95 8.26
N GLU A 100 -6.40 15.87 9.14
CA GLU A 100 -6.07 17.29 9.01
C GLU A 100 -4.56 17.53 9.12
N VAL A 101 -3.87 16.84 10.07
CA VAL A 101 -2.43 16.98 10.20
C VAL A 101 -1.73 16.48 8.92
N VAL A 102 -2.17 15.34 8.36
CA VAL A 102 -1.57 14.80 7.13
C VAL A 102 -1.71 15.82 5.98
N LEU A 103 -2.89 16.41 5.83
CA LEU A 103 -3.10 17.41 4.76
C LEU A 103 -2.16 18.61 4.88
N VAL A 104 -1.87 19.04 6.12
CA VAL A 104 -0.95 20.15 6.35
C VAL A 104 0.48 19.71 6.04
N ARG A 105 0.90 18.55 6.58
CA ARG A 105 2.24 18.03 6.32
C ARG A 105 2.52 17.84 4.83
N MET A 106 1.48 17.51 4.06
CA MET A 106 1.60 17.27 2.61
C MET A 106 2.08 18.49 1.83
N CYS A 107 2.01 19.71 2.38
CA CYS A 107 2.52 20.90 1.68
C CYS A 107 4.04 20.82 1.44
N ARG A 108 4.77 20.06 2.27
CA ARG A 108 6.21 19.85 2.09
C ARG A 108 6.51 19.07 0.80
N ALA A 109 5.59 18.19 0.39
CA ALA A 109 5.71 17.37 -0.81
C ALA A 109 5.12 18.01 -2.04
N TYR A 110 4.68 19.25 -1.95
CA TYR A 110 4.09 19.96 -3.08
C TYR A 110 5.13 20.94 -3.61
N ASN A 111 5.32 20.95 -4.95
CA ASN A 111 6.28 21.82 -5.64
C ASN A 111 5.46 22.85 -6.39
N ALA A 112 5.50 24.11 -5.98
CA ALA A 112 4.72 25.15 -6.68
C ALA A 112 5.26 25.45 -8.08
N ASP A 113 6.57 25.18 -8.31
CA ASP A 113 7.18 25.46 -9.63
C ASP A 113 6.51 24.72 -10.77
N ASN A 114 6.00 23.50 -10.51
CA ASN A 114 5.31 22.73 -11.57
C ASN A 114 3.97 22.18 -11.09
N ARG A 115 3.47 22.59 -9.90
CA ARG A 115 2.18 22.14 -9.34
C ARG A 115 2.05 20.62 -9.22
N THR A 116 3.09 20.00 -8.69
CA THR A 116 3.14 18.55 -8.58
C THR A 116 3.33 18.14 -7.15
N VAL A 117 2.94 16.90 -6.82
N VAL A 117 2.94 16.90 -6.82
CA VAL A 117 3.05 16.35 -5.49
CA VAL A 117 3.08 16.34 -5.49
C VAL A 117 3.87 15.06 -5.53
C VAL A 117 3.90 15.05 -5.55
N PHE A 118 4.66 14.80 -4.49
CA PHE A 118 5.46 13.60 -4.41
C PHE A 118 4.48 12.47 -4.09
N PHE A 119 4.44 11.45 -4.94
CA PHE A 119 3.53 10.33 -4.78
C PHE A 119 4.17 9.09 -5.40
N GLU A 120 4.31 8.02 -4.64
CA GLU A 120 4.87 6.76 -5.14
C GLU A 120 6.22 6.92 -5.83
N GLY A 121 7.10 7.68 -5.18
CA GLY A 121 8.48 7.83 -5.63
C GLY A 121 8.82 8.91 -6.62
N LYS A 122 7.82 9.55 -7.22
CA LYS A 122 8.06 10.62 -8.19
C LYS A 122 7.05 11.79 -8.00
N TYR A 123 7.25 12.89 -8.72
CA TYR A 123 6.37 14.05 -8.64
C TYR A 123 5.40 14.01 -9.81
N GLY A 124 4.12 14.16 -9.51
CA GLY A 124 3.08 14.18 -10.53
C GLY A 124 2.02 15.22 -10.26
N GLY A 125 1.34 15.69 -11.30
CA GLY A 125 0.27 16.68 -11.15
C GLY A 125 -1.06 16.04 -10.79
N MET A 126 -2.13 16.86 -10.66
CA MET A 126 -3.43 16.30 -10.25
C MET A 126 -4.00 15.30 -11.25
N GLU A 127 -3.57 15.36 -12.52
CA GLU A 127 -3.95 14.43 -13.59
C GLU A 127 -3.60 12.98 -13.25
N LEU A 128 -2.59 12.75 -12.39
CA LEU A 128 -2.18 11.42 -11.96
C LEU A 128 -3.33 10.68 -11.24
N PHE A 129 -4.21 11.43 -10.54
CA PHE A 129 -5.27 10.88 -9.70
C PHE A 129 -6.62 10.71 -10.40
N ARG A 130 -6.67 10.86 -11.73
CA ARG A 130 -7.93 10.82 -12.47
C ARG A 130 -8.80 9.58 -12.26
N ALA A 131 -8.18 8.41 -12.07
CA ALA A 131 -8.97 7.17 -11.91
C ALA A 131 -9.73 7.08 -10.60
N LEU A 132 -9.42 7.95 -9.62
CA LEU A 132 -10.18 7.95 -8.37
C LEU A 132 -11.65 8.37 -8.59
N GLY A 133 -11.90 9.20 -9.62
CA GLY A 133 -13.25 9.67 -9.87
C GLY A 133 -13.71 10.75 -8.90
N CYS A 134 -12.76 11.51 -8.33
CA CYS A 134 -13.12 12.62 -7.45
C CYS A 134 -12.26 13.83 -7.72
N SER A 135 -12.43 14.36 -8.92
CA SER A 135 -11.63 15.47 -9.42
C SER A 135 -11.76 16.72 -8.61
N GLU A 136 -12.95 17.02 -8.07
CA GLU A 136 -13.13 18.24 -7.29
C GLU A 136 -12.32 18.18 -6.00
N LEU A 137 -12.35 17.03 -5.31
CA LEU A 137 -11.64 16.85 -4.05
C LEU A 137 -10.15 16.93 -4.28
N ILE A 138 -9.63 16.23 -5.31
CA ILE A 138 -8.21 16.30 -5.63
C ILE A 138 -7.75 17.73 -5.93
N SER A 139 -8.54 18.46 -6.72
CA SER A 139 -8.23 19.83 -7.06
C SER A 139 -8.23 20.70 -5.81
N SER A 140 -9.16 20.45 -4.86
CA SER A 140 -9.22 21.20 -3.61
C SER A 140 -8.03 20.90 -2.72
N ILE A 141 -7.54 19.66 -2.75
CA ILE A 141 -6.36 19.31 -1.94
C ILE A 141 -5.14 20.01 -2.53
N PHE A 142 -4.99 20.02 -3.87
CA PHE A 142 -3.87 20.72 -4.50
C PHE A 142 -3.94 22.22 -4.20
N ASP A 143 -5.16 22.82 -4.23
CA ASP A 143 -5.32 24.24 -3.89
C ASP A 143 -4.94 24.52 -2.44
N PHE A 144 -5.27 23.61 -1.53
CA PHE A 144 -4.95 23.74 -0.11
C PHE A 144 -3.45 23.70 0.06
N SER A 145 -2.77 22.73 -0.54
CA SER A 145 -1.30 22.66 -0.45
C SER A 145 -0.66 23.90 -1.09
N HIS A 146 -1.27 24.44 -2.15
CA HIS A 146 -0.78 25.65 -2.81
C HIS A 146 -0.90 26.84 -1.86
N SER A 147 -2.02 26.94 -1.10
CA SER A 147 -2.19 28.03 -0.12
C SER A 147 -1.14 27.95 0.96
N LEU A 148 -0.80 26.74 1.44
CA LEU A 148 0.21 26.62 2.49
C LEU A 148 1.62 26.86 1.93
N SER A 149 1.89 26.42 0.67
CA SER A 149 3.18 26.66 -0.01
C SER A 149 3.52 28.15 -0.02
N ALA A 150 2.53 28.99 -0.26
CA ALA A 150 2.68 30.46 -0.31
C ALA A 150 3.08 31.07 1.04
N LEU A 151 2.76 30.39 2.15
CA LEU A 151 3.15 30.88 3.49
C LEU A 151 4.62 30.58 3.80
N HIS A 152 5.27 29.71 2.99
CA HIS A 152 6.67 29.35 3.07
C HIS A 152 7.10 29.00 4.48
N PHE A 153 6.49 27.95 5.05
CA PHE A 153 6.78 27.52 6.42
C PHE A 153 8.14 26.89 6.58
N SER A 154 8.77 27.09 7.73
CA SER A 154 9.97 26.36 8.07
C SER A 154 9.50 25.02 8.70
N GLU A 155 10.45 24.10 8.96
CA GLU A 155 10.12 22.83 9.61
C GLU A 155 9.60 23.08 11.03
N ASP A 156 10.18 24.05 11.74
CA ASP A 156 9.74 24.39 13.10
C ASP A 156 8.32 24.95 13.12
N GLU A 157 7.96 25.77 12.12
CA GLU A 157 6.61 26.28 12.03
C GLU A 157 5.62 25.16 11.74
N ILE A 158 5.98 24.19 10.87
CA ILE A 158 5.07 23.06 10.60
C ILE A 158 4.86 22.25 11.88
N ALA A 159 5.93 22.00 12.63
CA ALA A 159 5.83 21.23 13.87
C ALA A 159 4.87 21.91 14.88
N LEU A 160 5.00 23.24 15.06
CA LEU A 160 4.17 23.94 16.03
C LEU A 160 2.76 24.11 15.55
N TYR A 161 2.55 24.35 14.25
CA TYR A 161 1.21 24.50 13.70
C TYR A 161 0.43 23.15 13.69
N THR A 162 1.10 22.03 13.30
CA THR A 162 0.43 20.73 13.29
C THR A 162 0.10 20.24 14.70
N ALA A 163 0.90 20.62 15.73
CA ALA A 163 0.55 20.29 17.12
C ALA A 163 -0.82 20.94 17.48
N LEU A 164 -1.04 22.15 17.00
CA LEU A 164 -2.28 22.92 17.23
C LEU A 164 -3.45 22.45 16.39
N VAL A 165 -3.19 21.95 15.18
CA VAL A 165 -4.27 21.33 14.37
C VAL A 165 -4.81 20.09 15.13
N LEU A 166 -3.91 19.32 15.77
CA LEU A 166 -4.28 18.14 16.52
C LEU A 166 -4.93 18.49 17.90
N ILE A 167 -4.29 19.38 18.69
CA ILE A 167 -4.80 19.72 20.02
C ILE A 167 -5.80 20.85 19.88
N ASN A 168 -7.04 20.48 19.57
CA ASN A 168 -8.14 21.42 19.34
C ASN A 168 -9.21 21.14 20.40
N ALA A 169 -9.37 22.07 21.35
CA ALA A 169 -10.34 21.89 22.42
C ALA A 169 -11.79 22.00 21.99
N HIS A 170 -12.09 22.36 20.73
CA HIS A 170 -13.47 22.47 20.27
C HIS A 170 -14.02 21.20 19.61
N ARG A 171 -13.25 20.11 19.54
CA ARG A 171 -13.72 18.88 18.91
C ARG A 171 -14.92 18.33 19.68
N PRO A 172 -16.03 18.04 18.97
CA PRO A 172 -17.20 17.45 19.64
C PRO A 172 -16.87 16.09 20.23
N GLY A 173 -17.38 15.82 21.41
CA GLY A 173 -17.16 14.54 22.06
C GLY A 173 -16.07 14.49 23.11
N LEU A 174 -15.35 15.61 23.32
CA LEU A 174 -14.32 15.63 24.36
C LEU A 174 -15.03 15.56 25.73
N GLN A 175 -14.46 14.77 26.66
CA GLN A 175 -14.99 14.60 28.00
C GLN A 175 -14.29 15.47 29.04
N GLU A 176 -13.04 15.91 28.76
CA GLU A 176 -12.34 16.80 29.69
C GLU A 176 -11.88 18.01 28.90
N LYS A 177 -12.83 18.76 28.37
CA LYS A 177 -12.60 19.94 27.54
C LYS A 177 -11.59 20.94 28.15
N ARG A 178 -11.66 21.14 29.48
CA ARG A 178 -10.80 22.05 30.23
C ARG A 178 -9.35 21.62 30.22
N LYS A 179 -9.08 20.32 30.25
CA LYS A 179 -7.71 19.81 30.24
C LYS A 179 -7.10 20.02 28.83
N VAL A 180 -7.88 19.76 27.76
CA VAL A 180 -7.41 19.99 26.38
C VAL A 180 -7.17 21.49 26.16
N GLU A 181 -8.03 22.35 26.74
CA GLU A 181 -7.89 23.80 26.64
C GLU A 181 -6.54 24.28 27.19
N GLN A 182 -6.05 23.68 28.27
CA GLN A 182 -4.78 24.08 28.87
C GLN A 182 -3.62 23.66 27.99
N LEU A 183 -3.69 22.44 27.42
CA LEU A 183 -2.63 21.96 26.55
C LEU A 183 -2.64 22.80 25.26
N GLN A 184 -3.81 23.11 24.73
CA GLN A 184 -3.92 23.93 23.52
C GLN A 184 -3.33 25.32 23.78
N TYR A 185 -3.64 25.92 24.94
CA TYR A 185 -3.11 27.24 25.28
C TYR A 185 -1.61 27.25 25.38
N ASN A 186 -1.00 26.26 26.09
CA ASN A 186 0.45 26.20 26.17
C ASN A 186 1.12 26.04 24.79
N LEU A 187 0.52 25.22 23.91
CA LEU A 187 1.04 25.05 22.56
C LEU A 187 0.90 26.33 21.74
N GLU A 188 -0.16 27.11 21.98
CA GLU A 188 -0.36 28.39 21.32
C GLU A 188 0.70 29.39 21.81
N LEU A 189 1.02 29.38 23.11
CA LEU A 189 2.10 30.24 23.64
C LEU A 189 3.42 29.88 22.99
N ALA A 190 3.69 28.58 22.83
CA ALA A 190 4.93 28.11 22.20
C ALA A 190 4.99 28.56 20.74
N PHE A 191 3.90 28.39 19.98
CA PHE A 191 3.85 28.78 18.57
C PHE A 191 4.05 30.29 18.47
N HIS A 192 3.32 31.08 19.28
CA HIS A 192 3.43 32.53 19.23
C HIS A 192 4.80 33.05 19.66
N HIS A 193 5.43 32.39 20.65
CA HIS A 193 6.76 32.78 21.09
C HIS A 193 7.75 32.54 19.94
N HIS A 194 7.68 31.36 19.29
CA HIS A 194 8.59 31.08 18.17
C HIS A 194 8.40 32.09 17.03
N LEU A 195 7.14 32.39 16.70
CA LEU A 195 6.86 33.34 15.63
C LEU A 195 7.35 34.76 15.99
N CYS A 196 7.19 35.16 17.26
CA CYS A 196 7.62 36.48 17.68
C CYS A 196 9.13 36.64 17.58
N LYS A 197 9.91 35.65 18.08
CA LYS A 197 11.38 35.68 18.00
C LYS A 197 11.90 35.73 16.55
N THR A 198 11.15 35.13 15.60
CA THR A 198 11.59 35.08 14.19
C THR A 198 10.85 36.09 13.29
N HIS A 199 10.10 37.04 13.87
CA HIS A 199 9.36 38.08 13.13
C HIS A 199 8.41 37.47 12.09
N ARG A 200 7.61 36.47 12.52
CA ARG A 200 6.68 35.77 11.66
C ARG A 200 5.24 35.77 12.20
N GLN A 201 4.90 36.61 13.22
CA GLN A 201 3.52 36.66 13.70
C GLN A 201 2.53 37.16 12.64
N SER A 202 3.02 37.83 11.61
CA SER A 202 2.17 38.28 10.50
C SER A 202 1.54 37.10 9.70
N ILE A 203 2.05 35.85 9.88
CA ILE A 203 1.44 34.69 9.20
C ILE A 203 0.14 34.24 9.88
N LEU A 204 -0.07 34.57 11.16
CA LEU A 204 -1.27 34.13 11.88
C LEU A 204 -2.57 34.50 11.16
N ALA A 205 -2.67 35.73 10.67
CA ALA A 205 -3.88 36.16 9.93
C ALA A 205 -4.00 35.52 8.55
N LYS A 206 -2.92 34.89 8.03
CA LYS A 206 -2.87 34.24 6.72
C LYS A 206 -3.07 32.71 6.78
N LEU A 207 -3.17 32.10 7.98
CA LEU A 207 -3.40 30.67 8.09
C LEU A 207 -4.79 30.33 7.56
N PRO A 208 -4.97 29.13 6.98
CA PRO A 208 -6.29 28.78 6.42
C PRO A 208 -7.42 28.86 7.46
N PRO A 209 -8.59 29.36 7.04
CA PRO A 209 -9.72 29.47 7.96
C PRO A 209 -10.17 28.16 8.55
N LYS A 210 -10.89 28.33 9.68
CA LYS A 210 -11.59 27.33 10.45
C LYS A 210 -12.73 26.95 9.56
N GLY A 211 -12.54 25.89 8.81
CA GLY A 211 -13.55 25.42 7.88
C GLY A 211 -12.94 24.80 6.65
N LYS A 212 -11.78 25.32 6.21
CA LYS A 212 -11.08 24.78 5.04
C LYS A 212 -10.70 23.30 5.29
N LEU A 213 -10.03 23.02 6.41
CA LEU A 213 -9.62 21.65 6.73
C LEU A 213 -10.80 20.72 6.95
N ARG A 214 -11.85 21.19 7.66
CA ARG A 214 -13.03 20.35 7.88
C ARG A 214 -13.73 20.01 6.57
N SER A 215 -13.78 20.95 5.60
CA SER A 215 -14.37 20.69 4.29
C SER A 215 -13.63 19.59 3.55
N LEU A 216 -12.29 19.64 3.51
CA LEU A 216 -11.52 18.58 2.84
C LEU A 216 -11.81 17.21 3.48
N CYS A 217 -11.86 17.15 4.82
CA CYS A 217 -12.13 15.88 5.50
C CYS A 217 -13.52 15.38 5.25
N SER A 218 -14.51 16.28 5.27
CA SER A 218 -15.88 15.89 5.01
C SER A 218 -16.04 15.41 3.57
N GLN A 219 -15.34 16.06 2.59
CA GLN A 219 -15.43 15.61 1.19
C GLN A 219 -14.81 14.24 1.02
N HIS A 220 -13.70 13.96 1.72
CA HIS A 220 -13.08 12.62 1.66
C HIS A 220 -14.07 11.54 2.14
N VAL A 221 -14.73 11.80 3.27
CA VAL A 221 -15.72 10.86 3.83
C VAL A 221 -16.88 10.65 2.86
N GLU A 222 -17.36 11.72 2.21
CA GLU A 222 -18.42 11.61 1.22
C GLU A 222 -18.00 10.78 -0.02
N ARG A 223 -16.79 11.04 -0.55
CA ARG A 223 -16.33 10.28 -1.73
C ARG A 223 -16.08 8.81 -1.37
N LEU A 224 -15.65 8.53 -0.14
CA LEU A 224 -15.45 7.14 0.27
C LEU A 224 -16.82 6.41 0.37
N GLN A 225 -17.89 7.12 0.77
CA GLN A 225 -19.23 6.49 0.82
C GLN A 225 -19.70 6.12 -0.60
N ILE A 226 -19.41 6.98 -1.58
CA ILE A 226 -19.74 6.72 -2.97
C ILE A 226 -18.90 5.52 -3.47
N PHE A 227 -17.60 5.51 -3.15
CA PHE A 227 -16.73 4.41 -3.57
C PHE A 227 -17.22 3.07 -2.99
N GLN A 228 -17.55 3.04 -1.70
CA GLN A 228 -17.98 1.82 -1.00
C GLN A 228 -19.29 1.26 -1.57
N HIS A 229 -20.13 2.11 -2.17
CA HIS A 229 -21.35 1.63 -2.82
C HIS A 229 -20.98 0.89 -4.12
N LEU A 230 -20.05 1.45 -4.90
CA LEU A 230 -19.63 0.89 -6.19
C LEU A 230 -18.77 -0.35 -6.01
N HIS A 231 -17.96 -0.40 -4.94
CA HIS A 231 -17.06 -1.52 -4.70
C HIS A 231 -17.13 -1.93 -3.24
N PRO A 232 -18.23 -2.58 -2.79
CA PRO A 232 -18.37 -2.89 -1.37
C PRO A 232 -17.47 -3.96 -0.79
N ILE A 233 -16.83 -4.81 -1.60
CA ILE A 233 -15.96 -5.87 -1.05
C ILE A 233 -14.50 -5.43 -0.98
N VAL A 234 -14.06 -4.52 -1.87
CA VAL A 234 -12.68 -4.05 -1.88
C VAL A 234 -12.26 -3.43 -0.55
N VAL A 235 -13.14 -2.63 0.09
CA VAL A 235 -12.79 -2.01 1.36
C VAL A 235 -12.52 -3.02 2.47
N GLN A 236 -13.44 -3.98 2.63
CA GLN A 236 -13.25 -4.99 3.67
C GLN A 236 -12.14 -5.97 3.35
N ALA A 237 -11.80 -6.18 2.06
CA ALA A 237 -10.76 -7.12 1.70
C ALA A 237 -9.35 -6.56 1.70
N ALA A 238 -9.18 -5.33 1.22
CA ALA A 238 -7.84 -4.81 1.02
C ALA A 238 -7.47 -3.50 1.68
N PHE A 239 -8.45 -2.67 2.09
CA PHE A 239 -8.09 -1.39 2.70
C PHE A 239 -7.53 -1.60 4.11
N PRO A 240 -6.63 -0.71 4.57
CA PRO A 240 -6.13 -0.83 5.94
C PRO A 240 -7.27 -0.70 6.93
N PRO A 241 -7.29 -1.57 7.96
CA PRO A 241 -8.38 -1.51 8.94
C PRO A 241 -8.47 -0.16 9.68
N LEU A 242 -7.30 0.50 9.92
CA LEU A 242 -7.29 1.80 10.56
C LEU A 242 -8.02 2.82 9.69
N TYR A 243 -7.80 2.75 8.37
CA TYR A 243 -8.49 3.64 7.42
C TYR A 243 -10.01 3.46 7.49
N LYS A 244 -10.48 2.21 7.45
CA LYS A 244 -11.91 1.92 7.53
C LYS A 244 -12.51 2.44 8.85
N GLU A 245 -11.78 2.29 9.97
CA GLU A 245 -12.25 2.75 11.27
C GLU A 245 -12.34 4.28 11.35
N LEU A 246 -11.35 5.01 10.80
CA LEU A 246 -11.36 6.45 10.87
C LEU A 246 -12.37 7.13 9.94
N PHE A 247 -12.65 6.54 8.78
CA PHE A 247 -13.44 7.23 7.75
C PHE A 247 -14.73 6.55 7.28
N SER A 248 -14.99 5.30 7.67
CA SER A 248 -16.22 4.62 7.27
C SER A 248 -17.26 4.81 8.37
N SER B 1 -12.11 -26.05 -18.72
CA SER B 1 -13.42 -26.68 -18.69
C SER B 1 -13.32 -28.04 -18.01
N LEU B 2 -14.41 -28.47 -17.37
CA LEU B 2 -14.47 -29.79 -16.73
C LEU B 2 -14.98 -30.90 -17.68
N ALA B 3 -15.22 -30.59 -18.97
CA ALA B 3 -15.76 -31.56 -19.91
C ALA B 3 -14.87 -32.80 -20.04
N PRO B 4 -15.46 -34.00 -19.89
CA PRO B 4 -14.66 -35.22 -20.00
C PRO B 4 -14.37 -35.56 -21.47
N TYR B 5 -13.26 -36.23 -21.74
CA TYR B 5 -12.88 -36.61 -23.12
C TYR B 5 -12.86 -35.42 -24.07
N ALA B 6 -12.23 -34.33 -23.65
CA ALA B 6 -12.14 -33.10 -24.44
C ALA B 6 -11.55 -33.36 -25.83
N SER B 7 -12.28 -32.95 -26.87
CA SER B 7 -11.82 -33.15 -28.24
C SER B 7 -10.67 -32.18 -28.59
N LEU B 8 -10.05 -32.35 -29.77
CA LEU B 8 -8.98 -31.43 -30.20
C LEU B 8 -9.54 -30.02 -30.38
N THR B 9 -10.79 -29.90 -30.90
CA THR B 9 -11.43 -28.57 -31.01
C THR B 9 -11.63 -27.91 -29.62
N GLU B 10 -12.02 -28.70 -28.61
CA GLU B 10 -12.20 -28.18 -27.26
C GLU B 10 -10.88 -27.79 -26.62
N ILE B 11 -9.83 -28.56 -26.89
CA ILE B 11 -8.49 -28.26 -26.35
C ILE B 11 -7.99 -26.95 -26.98
N GLU B 12 -8.16 -26.77 -28.29
CA GLU B 12 -7.74 -25.51 -28.95
C GLU B 12 -8.54 -24.31 -28.41
N HIS B 13 -9.84 -24.50 -28.15
CA HIS B 13 -10.67 -23.43 -27.59
C HIS B 13 -10.24 -23.11 -26.15
N LEU B 14 -9.83 -24.13 -25.37
CA LEU B 14 -9.36 -23.92 -24.01
C LEU B 14 -8.03 -23.15 -24.01
N VAL B 15 -7.10 -23.41 -24.96
CA VAL B 15 -5.86 -22.62 -25.06
C VAL B 15 -6.23 -21.14 -25.26
N GLN B 16 -7.14 -20.87 -26.19
CA GLN B 16 -7.55 -19.48 -26.45
C GLN B 16 -8.23 -18.83 -25.24
N SER B 17 -9.06 -19.59 -24.53
CA SER B 17 -9.78 -19.11 -23.37
C SER B 17 -8.80 -18.74 -22.24
N VAL B 18 -7.86 -19.64 -21.91
CA VAL B 18 -6.89 -19.39 -20.84
C VAL B 18 -6.01 -18.17 -21.14
N CYS B 19 -5.56 -18.04 -22.40
CA CYS B 19 -4.74 -16.89 -22.79
C CYS B 19 -5.54 -15.59 -22.66
N LYS B 20 -6.83 -15.60 -23.05
CA LYS B 20 -7.68 -14.42 -22.89
C LYS B 20 -7.93 -14.06 -21.41
N SER B 21 -8.18 -15.06 -20.53
CA SER B 21 -8.40 -14.78 -19.11
C SER B 21 -7.15 -14.12 -18.49
N TYR B 22 -5.96 -14.61 -18.88
CA TYR B 22 -4.71 -14.06 -18.39
C TYR B 22 -4.52 -12.62 -18.91
N ARG B 23 -4.70 -12.39 -20.22
CA ARG B 23 -4.56 -11.03 -20.79
C ARG B 23 -5.43 -10.01 -20.08
N GLU B 24 -6.65 -10.40 -19.68
CA GLU B 24 -7.58 -9.48 -19.02
C GLU B 24 -7.24 -9.18 -17.56
N THR B 25 -6.33 -9.96 -16.96
CA THR B 25 -5.99 -9.85 -15.55
C THR B 25 -4.47 -9.89 -15.31
N CYS B 26 -3.65 -9.55 -16.32
CA CYS B 26 -2.20 -9.62 -16.19
C CYS B 26 -1.57 -8.51 -15.32
N GLN B 27 -2.39 -7.55 -14.85
CA GLN B 27 -2.00 -6.45 -13.94
C GLN B 27 -1.17 -5.33 -14.64
N LEU B 28 0.03 -5.65 -15.12
CA LEU B 28 0.83 -4.67 -15.86
C LEU B 28 1.08 -5.17 -17.25
N ARG B 29 1.11 -4.24 -18.23
CA ARG B 29 1.40 -4.56 -19.61
C ARG B 29 2.85 -4.90 -19.73
N LEU B 30 3.17 -5.98 -20.43
CA LEU B 30 4.55 -6.38 -20.62
C LEU B 30 5.39 -5.27 -21.30
N GLU B 31 4.87 -4.58 -22.32
CA GLU B 31 5.67 -3.56 -23.03
C GLU B 31 6.09 -2.41 -22.08
N ASP B 32 5.27 -2.06 -21.08
CA ASP B 32 5.63 -1.02 -20.13
C ASP B 32 6.74 -1.47 -19.24
N LEU B 33 6.68 -2.71 -18.74
CA LEU B 33 7.72 -3.22 -17.86
C LEU B 33 9.06 -3.29 -18.61
N LEU B 34 9.07 -3.77 -19.87
CA LEU B 34 10.32 -3.91 -20.61
C LEU B 34 10.96 -2.57 -20.97
N ARG B 35 10.15 -1.62 -21.42
CA ARG B 35 10.65 -0.29 -21.75
C ARG B 35 11.14 0.48 -20.52
N GLN B 36 10.81 0.07 -19.28
CA GLN B 36 11.33 0.77 -18.09
C GLN B 36 12.63 0.16 -17.55
N ARG B 37 13.19 -0.87 -18.22
CA ARG B 37 14.40 -1.57 -17.79
C ARG B 37 15.61 -0.69 -17.54
N SER B 38 15.82 0.36 -18.36
N SER B 38 15.80 0.36 -18.38
CA SER B 38 16.99 1.24 -18.17
CA SER B 38 16.93 1.27 -18.21
C SER B 38 16.80 2.28 -17.04
C SER B 38 16.70 2.40 -17.19
N ASN B 39 15.64 2.30 -16.37
CA ASN B 39 15.34 3.24 -15.27
C ASN B 39 15.56 2.51 -13.96
N ILE B 40 16.69 2.75 -13.35
CA ILE B 40 17.11 2.05 -12.15
C ILE B 40 17.29 3.00 -10.99
N PHE B 41 16.91 2.58 -9.77
CA PHE B 41 17.06 3.40 -8.58
C PHE B 41 18.53 3.86 -8.39
N SER B 42 18.72 5.13 -8.05
CA SER B 42 20.07 5.64 -7.81
C SER B 42 20.59 5.07 -6.47
N ARG B 43 21.89 5.24 -6.17
CA ARG B 43 22.46 4.79 -4.91
C ARG B 43 21.81 5.51 -3.73
N GLU B 44 21.45 6.80 -3.89
CA GLU B 44 20.81 7.55 -2.80
C GLU B 44 19.39 7.00 -2.56
N GLU B 45 18.68 6.62 -3.63
CA GLU B 45 17.34 6.05 -3.50
C GLU B 45 17.41 4.70 -2.81
N VAL B 46 18.42 3.88 -3.16
CA VAL B 46 18.60 2.58 -2.49
C VAL B 46 18.86 2.79 -0.99
N THR B 47 19.73 3.75 -0.63
CA THR B 47 20.02 4.09 0.77
C THR B 47 18.74 4.52 1.49
N GLY B 48 17.89 5.28 0.80
CA GLY B 48 16.60 5.70 1.35
C GLY B 48 15.71 4.52 1.71
N TYR B 49 15.62 3.53 0.81
CA TYR B 49 14.84 2.32 1.09
C TYR B 49 15.45 1.55 2.25
N GLN B 50 16.78 1.44 2.29
CA GLN B 50 17.46 0.70 3.36
C GLN B 50 17.33 1.38 4.74
N ARG B 51 17.04 2.69 4.74
CA ARG B 51 16.85 3.45 5.98
C ARG B 51 15.40 3.46 6.48
N LYS B 52 14.46 2.88 5.72
CA LYS B 52 13.09 2.78 6.16
C LYS B 52 12.97 1.83 7.36
N SER B 53 11.97 2.03 8.20
CA SER B 53 11.73 1.12 9.31
C SER B 53 11.25 -0.22 8.78
N MET B 54 11.47 -1.30 9.53
CA MET B 54 11.01 -2.62 9.14
C MET B 54 9.50 -2.64 8.97
N TRP B 55 8.76 -1.96 9.87
CA TRP B 55 7.30 -1.99 9.78
C TRP B 55 6.83 -1.30 8.52
N GLU B 56 7.48 -0.19 8.12
CA GLU B 56 7.03 0.55 6.92
C GLU B 56 7.29 -0.27 5.65
N MET B 57 8.45 -0.93 5.58
CA MET B 57 8.81 -1.71 4.42
C MET B 57 7.92 -2.96 4.33
N TRP B 58 7.64 -3.64 5.47
CA TRP B 58 6.73 -4.79 5.44
C TRP B 58 5.35 -4.40 4.99
N GLU B 59 4.86 -3.25 5.46
CA GLU B 59 3.51 -2.80 5.13
C GLU B 59 3.39 -2.49 3.65
N ARG B 60 4.42 -1.86 3.07
CA ARG B 60 4.46 -1.54 1.64
C ARG B 60 4.44 -2.83 0.79
N CYS B 61 5.32 -3.79 1.11
CA CYS B 61 5.37 -5.05 0.36
C CYS B 61 4.08 -5.86 0.53
N ALA B 62 3.48 -5.87 1.72
CA ALA B 62 2.19 -6.57 1.93
C ALA B 62 1.11 -5.96 1.06
N HIS B 63 1.11 -4.62 0.95
CA HIS B 63 0.16 -3.93 0.05
C HIS B 63 0.38 -4.34 -1.43
N HIS B 64 1.63 -4.27 -1.93
CA HIS B 64 1.91 -4.61 -3.33
C HIS B 64 1.57 -6.06 -3.63
N LEU B 65 1.90 -6.97 -2.70
CA LEU B 65 1.60 -8.38 -2.89
C LEU B 65 0.08 -8.58 -2.89
N THR B 66 -0.66 -7.88 -2.01
CA THR B 66 -2.11 -8.02 -1.98
C THR B 66 -2.74 -7.54 -3.27
N GLU B 67 -2.25 -6.43 -3.84
CA GLU B 67 -2.78 -5.96 -5.12
C GLU B 67 -2.53 -7.01 -6.23
N ALA B 68 -1.33 -7.63 -6.25
CA ALA B 68 -1.01 -8.67 -7.24
C ALA B 68 -1.91 -9.91 -7.05
N ILE B 69 -2.20 -10.29 -5.79
CA ILE B 69 -3.09 -11.42 -5.47
C ILE B 69 -4.51 -11.12 -5.90
N GLN B 70 -4.96 -9.87 -5.76
CA GLN B 70 -6.29 -9.49 -6.24
C GLN B 70 -6.48 -9.76 -7.73
N TYR B 71 -5.44 -9.54 -8.53
CA TYR B 71 -5.50 -9.84 -9.97
C TYR B 71 -5.53 -11.35 -10.22
N VAL B 72 -4.83 -12.13 -9.38
CA VAL B 72 -4.83 -13.60 -9.53
C VAL B 72 -6.22 -14.15 -9.15
N VAL B 73 -6.92 -13.53 -8.16
CA VAL B 73 -8.27 -13.95 -7.80
C VAL B 73 -9.20 -13.70 -9.00
N GLU B 74 -9.05 -12.55 -9.66
CA GLU B 74 -9.86 -12.26 -10.86
C GLU B 74 -9.51 -13.19 -12.03
N PHE B 75 -8.24 -13.60 -12.15
CA PHE B 75 -7.78 -14.59 -13.14
C PHE B 75 -8.52 -15.91 -12.89
N ALA B 76 -8.50 -16.37 -11.63
CA ALA B 76 -9.20 -17.61 -11.25
C ALA B 76 -10.69 -17.53 -11.55
N LYS B 77 -11.36 -16.42 -11.17
CA LYS B 77 -12.79 -16.25 -11.46
C LYS B 77 -13.12 -16.31 -12.95
N ARG B 78 -12.18 -15.92 -13.82
CA ARG B 78 -12.39 -15.97 -15.28
C ARG B 78 -11.85 -17.24 -15.94
N LEU B 79 -11.12 -18.07 -15.20
CA LEU B 79 -10.50 -19.25 -15.75
C LEU B 79 -11.55 -20.34 -15.99
N SER B 80 -11.63 -20.85 -17.22
CA SER B 80 -12.59 -21.90 -17.61
C SER B 80 -12.60 -23.07 -16.61
N GLY B 81 -13.77 -23.42 -16.08
CA GLY B 81 -13.86 -24.52 -15.13
C GLY B 81 -13.76 -24.15 -13.65
N PHE B 82 -12.99 -23.10 -13.29
CA PHE B 82 -12.76 -22.80 -11.88
C PHE B 82 -14.05 -22.57 -11.07
N MET B 83 -14.98 -21.78 -11.60
CA MET B 83 -16.21 -21.47 -10.87
C MET B 83 -17.20 -22.64 -10.82
N GLU B 84 -16.92 -23.74 -11.54
CA GLU B 84 -17.73 -24.96 -11.45
C GLU B 84 -17.23 -25.90 -10.33
N LEU B 85 -16.07 -25.59 -9.72
CA LEU B 85 -15.58 -26.36 -8.58
C LEU B 85 -16.40 -25.92 -7.36
N CYS B 86 -16.44 -26.74 -6.30
CA CYS B 86 -17.21 -26.35 -5.11
C CYS B 86 -16.50 -25.20 -4.39
N GLN B 87 -17.26 -24.38 -3.66
CA GLN B 87 -16.72 -23.23 -2.91
C GLN B 87 -15.53 -23.57 -2.06
N ASN B 88 -15.57 -24.70 -1.34
CA ASN B 88 -14.43 -25.12 -0.53
C ASN B 88 -13.16 -25.29 -1.39
N ASP B 89 -13.27 -25.99 -2.54
CA ASP B 89 -12.11 -26.26 -3.39
C ASP B 89 -11.54 -25.00 -4.01
N GLN B 90 -12.40 -24.06 -4.41
CA GLN B 90 -11.96 -22.76 -4.92
C GLN B 90 -11.09 -22.04 -3.86
N ILE B 91 -11.52 -22.07 -2.59
CA ILE B 91 -10.79 -21.44 -1.51
C ILE B 91 -9.51 -22.21 -1.23
N VAL B 92 -9.56 -23.56 -1.18
CA VAL B 92 -8.34 -24.34 -0.97
C VAL B 92 -7.28 -24.03 -2.08
N LEU B 93 -7.73 -23.96 -3.34
CA LEU B 93 -6.81 -23.70 -4.45
C LEU B 93 -6.21 -22.29 -4.37
N LEU B 94 -7.03 -21.27 -4.11
CA LEU B 94 -6.51 -19.90 -4.02
C LEU B 94 -5.62 -19.68 -2.79
N LYS B 95 -6.01 -20.26 -1.65
CA LYS B 95 -5.22 -20.07 -0.42
C LYS B 95 -3.83 -20.64 -0.58
N ALA B 96 -3.70 -21.78 -1.27
CA ALA B 96 -2.38 -22.37 -1.49
C ALA B 96 -1.66 -21.86 -2.72
N GLY B 97 -2.40 -21.44 -3.74
CA GLY B 97 -1.79 -21.08 -5.01
C GLY B 97 -1.70 -19.62 -5.40
N ALA B 98 -2.48 -18.71 -4.78
CA ALA B 98 -2.41 -17.28 -5.15
C ALA B 98 -1.01 -16.72 -5.10
N MET B 99 -0.27 -16.99 -4.02
N MET B 99 -0.26 -16.98 -4.02
CA MET B 99 1.10 -16.51 -3.83
CA MET B 99 1.10 -16.49 -3.87
C MET B 99 2.05 -17.17 -4.83
C MET B 99 2.03 -17.16 -4.88
N GLU B 100 1.84 -18.46 -5.13
CA GLU B 100 2.67 -19.16 -6.12
C GLU B 100 2.49 -18.55 -7.52
N VAL B 101 1.25 -18.22 -7.89
CA VAL B 101 1.00 -17.59 -9.19
C VAL B 101 1.69 -16.22 -9.26
N VAL B 102 1.59 -15.40 -8.18
CA VAL B 102 2.24 -14.09 -8.15
C VAL B 102 3.76 -14.24 -8.34
N LEU B 103 4.40 -15.20 -7.63
CA LEU B 103 5.83 -15.41 -7.79
C LEU B 103 6.24 -15.76 -9.22
N VAL B 104 5.39 -16.51 -9.94
CA VAL B 104 5.68 -16.88 -11.31
C VAL B 104 5.48 -15.66 -12.22
N ARG B 105 4.38 -14.93 -12.03
CA ARG B 105 4.10 -13.73 -12.84
C ARG B 105 5.22 -12.68 -12.67
N MET B 106 5.85 -12.62 -11.50
CA MET B 106 6.88 -11.61 -11.25
C MET B 106 8.15 -11.80 -12.10
N CYS B 107 8.33 -12.96 -12.76
CA CYS B 107 9.50 -13.13 -13.67
C CYS B 107 9.41 -12.10 -14.84
N ARG B 108 8.20 -11.61 -15.17
CA ARG B 108 8.03 -10.58 -16.20
C ARG B 108 8.67 -9.26 -15.79
N ALA B 109 8.72 -8.98 -14.48
CA ALA B 109 9.29 -7.74 -13.96
C ALA B 109 10.78 -7.89 -13.57
N TYR B 110 11.43 -9.01 -13.94
CA TYR B 110 12.80 -9.26 -13.53
C TYR B 110 13.74 -9.16 -14.69
N ASN B 111 14.87 -8.44 -14.50
CA ASN B 111 15.90 -8.31 -15.52
C ASN B 111 17.10 -9.17 -15.12
N ALA B 112 17.36 -10.25 -15.87
CA ALA B 112 18.47 -11.14 -15.54
C ALA B 112 19.83 -10.51 -15.83
N ASP B 113 19.89 -9.50 -16.74
CA ASP B 113 21.14 -8.85 -17.11
C ASP B 113 21.81 -8.14 -15.94
N ASN B 114 21.04 -7.56 -15.02
CA ASN B 114 21.60 -6.88 -13.86
C ASN B 114 20.95 -7.31 -12.53
N ARG B 115 20.14 -8.38 -12.53
CA ARG B 115 19.52 -8.93 -11.34
C ARG B 115 18.64 -7.91 -10.60
N THR B 116 17.82 -7.15 -11.35
CA THR B 116 16.93 -6.16 -10.76
C THR B 116 15.45 -6.52 -11.00
N VAL B 117 14.56 -5.98 -10.15
N VAL B 117 14.55 -5.98 -10.14
CA VAL B 117 13.12 -6.19 -10.24
CA VAL B 117 13.11 -6.17 -10.25
C VAL B 117 12.40 -4.82 -10.29
C VAL B 117 12.42 -4.81 -10.33
N PHE B 118 11.31 -4.74 -11.06
CA PHE B 118 10.54 -3.51 -11.13
C PHE B 118 9.77 -3.41 -9.82
N PHE B 119 9.96 -2.33 -9.07
CA PHE B 119 9.29 -2.16 -7.78
C PHE B 119 9.09 -0.67 -7.53
N GLU B 120 7.84 -0.25 -7.28
CA GLU B 120 7.55 1.15 -7.01
C GLU B 120 8.13 2.14 -8.04
N GLY B 121 7.97 1.80 -9.31
CA GLY B 121 8.29 2.71 -10.41
C GLY B 121 9.66 2.64 -11.05
N LYS B 122 10.63 1.95 -10.47
CA LYS B 122 11.97 1.81 -11.06
C LYS B 122 12.47 0.37 -10.82
N TYR B 123 13.62 -0.01 -11.44
CA TYR B 123 14.20 -1.32 -11.21
C TYR B 123 15.25 -1.21 -10.12
N GLY B 124 15.31 -2.19 -9.23
CA GLY B 124 16.29 -2.22 -8.16
C GLY B 124 16.67 -3.63 -7.78
N GLY B 125 17.84 -3.79 -7.20
CA GLY B 125 18.33 -5.10 -6.82
C GLY B 125 17.81 -5.56 -5.48
N MET B 126 18.24 -6.75 -5.03
CA MET B 126 17.74 -7.29 -3.77
C MET B 126 18.10 -6.43 -2.55
N GLU B 127 19.15 -5.60 -2.66
CA GLU B 127 19.59 -4.67 -1.61
C GLU B 127 18.48 -3.64 -1.27
N LEU B 128 17.55 -3.37 -2.19
CA LEU B 128 16.43 -2.46 -1.96
C LEU B 128 15.54 -2.93 -0.79
N PHE B 129 15.47 -4.26 -0.56
CA PHE B 129 14.60 -4.90 0.41
C PHE B 129 15.25 -5.21 1.76
N ARG B 130 16.45 -4.67 2.02
CA ARG B 130 17.19 -4.94 3.25
C ARG B 130 16.44 -4.66 4.55
N ALA B 131 15.60 -3.63 4.58
CA ALA B 131 14.91 -3.29 5.84
C ALA B 131 13.87 -4.32 6.25
N LEU B 132 13.46 -5.23 5.35
CA LEU B 132 12.53 -6.30 5.71
C LEU B 132 13.12 -7.26 6.73
N GLY B 133 14.44 -7.43 6.74
CA GLY B 133 15.07 -8.34 7.69
C GLY B 133 14.94 -9.80 7.28
N CYS B 134 14.75 -10.09 5.99
CA CYS B 134 14.70 -11.48 5.52
C CYS B 134 15.47 -11.61 4.22
N SER B 135 16.77 -11.29 4.25
N SER B 135 16.77 -11.30 4.26
CA SER B 135 17.66 -11.31 3.09
CA SER B 135 17.68 -11.32 3.11
C SER B 135 17.73 -12.66 2.38
C SER B 135 17.73 -12.66 2.38
N GLU B 136 17.72 -13.77 3.12
CA GLU B 136 17.77 -15.09 2.51
C GLU B 136 16.52 -15.38 1.67
N LEU B 137 15.31 -15.06 2.18
CA LEU B 137 14.07 -15.27 1.43
C LEU B 137 14.05 -14.39 0.18
N ILE B 138 14.45 -13.11 0.31
CA ILE B 138 14.48 -12.22 -0.86
C ILE B 138 15.47 -12.76 -1.91
N SER B 139 16.61 -13.26 -1.48
CA SER B 139 17.62 -13.82 -2.41
C SER B 139 17.07 -15.06 -3.10
N SER B 140 16.28 -15.88 -2.38
CA SER B 140 15.65 -17.07 -2.96
C SER B 140 14.57 -16.70 -3.97
N ILE B 141 13.85 -15.62 -3.73
CA ILE B 141 12.84 -15.15 -4.70
C ILE B 141 13.53 -14.64 -5.96
N PHE B 142 14.61 -13.85 -5.80
CA PHE B 142 15.37 -13.38 -6.98
C PHE B 142 15.94 -14.58 -7.79
N ASP B 143 16.44 -15.62 -7.08
CA ASP B 143 16.94 -16.81 -7.76
C ASP B 143 15.84 -17.57 -8.51
N PHE B 144 14.63 -17.58 -7.94
CA PHE B 144 13.49 -18.24 -8.58
C PHE B 144 13.12 -17.48 -9.84
N SER B 145 13.03 -16.15 -9.78
CA SER B 145 12.73 -15.37 -11.00
C SER B 145 13.86 -15.56 -12.04
N HIS B 146 15.11 -15.72 -11.57
CA HIS B 146 16.25 -15.94 -12.48
C HIS B 146 16.12 -17.29 -13.19
N SER B 147 15.64 -18.30 -12.49
CA SER B 147 15.44 -19.63 -13.09
C SER B 147 14.33 -19.59 -14.14
N LEU B 148 13.26 -18.80 -13.91
CA LEU B 148 12.19 -18.66 -14.90
C LEU B 148 12.64 -17.82 -16.09
N SER B 149 13.48 -16.81 -15.83
CA SER B 149 14.02 -15.92 -16.87
C SER B 149 14.75 -16.71 -17.93
N ALA B 150 15.48 -17.74 -17.52
CA ALA B 150 16.23 -18.58 -18.42
C ALA B 150 15.34 -19.33 -19.43
N LEU B 151 14.04 -19.51 -19.14
CA LEU B 151 13.13 -20.17 -20.09
C LEU B 151 12.52 -19.21 -21.11
N HIS B 152 12.69 -17.89 -20.94
CA HIS B 152 12.16 -16.83 -21.85
C HIS B 152 10.71 -17.12 -22.30
N PHE B 153 9.80 -17.24 -21.31
CA PHE B 153 8.42 -17.57 -21.61
C PHE B 153 7.75 -16.51 -22.44
N SER B 154 6.82 -16.90 -23.30
CA SER B 154 5.98 -15.94 -23.98
C SER B 154 4.80 -15.63 -23.00
N GLU B 155 3.94 -14.65 -23.34
CA GLU B 155 2.80 -14.33 -22.51
C GLU B 155 1.81 -15.50 -22.50
N ASP B 156 1.66 -16.22 -23.64
CA ASP B 156 0.78 -17.38 -23.73
C ASP B 156 1.28 -18.52 -22.84
N GLU B 157 2.58 -18.73 -22.78
CA GLU B 157 3.15 -19.75 -21.90
C GLU B 157 2.92 -19.41 -20.43
N ILE B 158 3.05 -18.12 -20.06
CA ILE B 158 2.81 -17.72 -18.67
C ILE B 158 1.35 -17.99 -18.31
N ALA B 159 0.43 -17.64 -19.21
CA ALA B 159 -0.99 -17.85 -18.98
C ALA B 159 -1.31 -19.35 -18.73
N LEU B 160 -0.75 -20.25 -19.60
CA LEU B 160 -1.06 -21.66 -19.48
C LEU B 160 -0.36 -22.30 -18.30
N TYR B 161 0.85 -21.88 -18.01
CA TYR B 161 1.61 -22.42 -16.86
C TYR B 161 0.99 -21.94 -15.51
N THR B 162 0.62 -20.65 -15.39
CA THR B 162 0.04 -20.15 -14.14
C THR B 162 -1.35 -20.77 -13.90
N ALA B 163 -2.10 -21.13 -14.96
CA ALA B 163 -3.38 -21.83 -14.78
C ALA B 163 -3.14 -23.17 -14.06
N LEU B 164 -2.05 -23.85 -14.43
CA LEU B 164 -1.64 -25.15 -13.85
C LEU B 164 -1.02 -25.02 -12.47
N VAL B 165 -0.33 -23.92 -12.17
CA VAL B 165 0.18 -23.68 -10.80
C VAL B 165 -1.04 -23.54 -9.85
N LEU B 166 -2.11 -22.88 -10.32
CA LEU B 166 -3.32 -22.72 -9.51
C LEU B 166 -4.17 -24.02 -9.46
N ILE B 167 -4.44 -24.66 -10.60
CA ILE B 167 -5.27 -25.88 -10.63
C ILE B 167 -4.41 -27.09 -10.38
N ASN B 168 -4.13 -27.34 -9.11
CA ASN B 168 -3.25 -28.43 -8.65
C ASN B 168 -4.11 -29.40 -7.84
N ALA B 169 -4.36 -30.60 -8.40
CA ALA B 169 -5.21 -31.58 -7.73
C ALA B 169 -4.54 -32.23 -6.52
N HIS B 170 -3.28 -31.94 -6.22
CA HIS B 170 -2.63 -32.53 -5.05
C HIS B 170 -2.73 -31.65 -3.78
N ARG B 171 -3.40 -30.49 -3.84
CA ARG B 171 -3.51 -29.63 -2.66
C ARG B 171 -4.29 -30.34 -1.55
N PRO B 172 -3.72 -30.41 -0.34
CA PRO B 172 -4.42 -31.06 0.76
C PRO B 172 -5.69 -30.29 1.11
N GLY B 173 -6.76 -31.01 1.42
CA GLY B 173 -8.01 -30.38 1.81
C GLY B 173 -9.05 -30.26 0.73
N LEU B 174 -8.74 -30.71 -0.50
CA LEU B 174 -9.75 -30.69 -1.56
C LEU B 174 -10.84 -31.72 -1.20
N GLN B 175 -12.11 -31.37 -1.42
CA GLN B 175 -13.27 -32.22 -1.15
C GLN B 175 -13.80 -32.96 -2.38
N GLU B 176 -13.51 -32.43 -3.58
CA GLU B 176 -13.95 -33.07 -4.82
C GLU B 176 -12.71 -33.16 -5.71
N LYS B 177 -11.69 -33.88 -5.24
CA LYS B 177 -10.45 -34.04 -5.98
C LYS B 177 -10.63 -34.53 -7.43
N ARG B 178 -11.64 -35.38 -7.72
CA ARG B 178 -11.93 -35.90 -9.05
C ARG B 178 -12.23 -34.78 -10.03
N LYS B 179 -12.92 -33.71 -9.59
CA LYS B 179 -13.23 -32.60 -10.52
C LYS B 179 -11.97 -31.75 -10.76
N VAL B 180 -11.16 -31.58 -9.72
CA VAL B 180 -9.93 -30.82 -9.87
C VAL B 180 -8.98 -31.60 -10.78
N GLU B 181 -8.93 -32.95 -10.67
CA GLU B 181 -8.08 -33.80 -11.51
C GLU B 181 -8.48 -33.64 -12.98
N GLN B 182 -9.78 -33.65 -13.24
CA GLN B 182 -10.29 -33.49 -14.60
C GLN B 182 -9.91 -32.12 -15.18
N LEU B 183 -10.12 -31.02 -14.42
CA LEU B 183 -9.80 -29.65 -14.87
C LEU B 183 -8.28 -29.50 -15.05
N GLN B 184 -7.49 -30.08 -14.15
CA GLN B 184 -6.03 -30.04 -14.26
C GLN B 184 -5.60 -30.77 -15.55
N TYR B 185 -6.21 -31.93 -15.83
CA TYR B 185 -5.87 -32.70 -17.03
C TYR B 185 -6.19 -31.93 -18.30
N ASN B 186 -7.37 -31.32 -18.39
CA ASN B 186 -7.71 -30.53 -19.58
C ASN B 186 -6.73 -29.34 -19.76
N LEU B 187 -6.35 -28.67 -18.66
CA LEU B 187 -5.40 -27.55 -18.76
C LEU B 187 -4.03 -28.06 -19.18
N GLU B 188 -3.65 -29.27 -18.76
CA GLU B 188 -2.38 -29.87 -19.16
C GLU B 188 -2.42 -30.20 -20.68
N LEU B 189 -3.56 -30.69 -21.19
CA LEU B 189 -3.71 -30.94 -22.64
C LEU B 189 -3.57 -29.64 -23.40
N ALA B 190 -4.17 -28.58 -22.89
CA ALA B 190 -4.09 -27.27 -23.55
C ALA B 190 -2.63 -26.74 -23.53
N PHE B 191 -1.94 -26.82 -22.39
CA PHE B 191 -0.56 -26.36 -22.29
C PHE B 191 0.32 -27.19 -23.24
N HIS B 192 0.18 -28.54 -23.22
CA HIS B 192 0.99 -29.40 -24.08
C HIS B 192 0.71 -29.20 -25.56
N HIS B 193 -0.55 -28.98 -25.90
CA HIS B 193 -0.92 -28.71 -27.30
C HIS B 193 -0.24 -27.43 -27.76
N HIS B 194 -0.33 -26.34 -26.97
CA HIS B 194 0.29 -25.07 -27.35
C HIS B 194 1.80 -25.22 -27.51
N LEU B 195 2.45 -25.92 -26.54
CA LEU B 195 3.87 -26.13 -26.62
C LEU B 195 4.28 -26.96 -27.84
N CYS B 196 3.48 -27.99 -28.17
CA CYS B 196 3.81 -28.84 -29.30
C CYS B 196 3.72 -28.07 -30.62
N LYS B 197 2.66 -27.28 -30.81
CA LYS B 197 2.51 -26.47 -32.03
C LYS B 197 3.62 -25.43 -32.21
N THR B 198 4.18 -24.93 -31.09
CA THR B 198 5.22 -23.90 -31.17
C THR B 198 6.65 -24.47 -30.92
N HIS B 199 6.83 -25.79 -30.93
CA HIS B 199 8.13 -26.41 -30.70
C HIS B 199 8.78 -26.02 -29.39
N ARG B 200 8.02 -26.04 -28.29
CA ARG B 200 8.51 -25.66 -26.96
C ARG B 200 8.31 -26.72 -25.87
N GLN B 201 7.97 -27.98 -26.22
CA GLN B 201 7.82 -29.02 -25.19
C GLN B 201 9.10 -29.27 -24.42
N SER B 202 10.28 -28.87 -24.94
CA SER B 202 11.56 -29.00 -24.23
C SER B 202 11.58 -28.21 -22.92
N ILE B 203 10.65 -27.25 -22.72
CA ILE B 203 10.64 -26.51 -21.45
C ILE B 203 10.05 -27.32 -20.31
N LEU B 204 9.20 -28.33 -20.59
CA LEU B 204 8.54 -29.10 -19.54
C LEU B 204 9.52 -29.69 -18.52
N ALA B 205 10.61 -30.29 -18.99
CA ALA B 205 11.63 -30.86 -18.10
C ALA B 205 12.46 -29.80 -17.37
N LYS B 206 12.37 -28.51 -17.78
CA LYS B 206 13.09 -27.40 -17.20
C LYS B 206 12.27 -26.55 -16.23
N LEU B 207 10.97 -26.84 -16.07
CA LEU B 207 10.14 -26.08 -15.14
C LEU B 207 10.60 -26.35 -13.71
N PRO B 208 10.52 -25.33 -12.83
CA PRO B 208 10.99 -25.54 -11.45
C PRO B 208 10.25 -26.68 -10.74
N PRO B 209 10.96 -27.49 -9.95
CA PRO B 209 10.26 -28.58 -9.22
C PRO B 209 9.20 -27.99 -8.25
N LYS B 210 8.01 -28.60 -8.07
CA LYS B 210 6.95 -27.99 -7.21
C LYS B 210 7.42 -27.57 -5.80
N GLY B 211 8.33 -28.34 -5.21
CA GLY B 211 8.87 -28.08 -3.89
C GLY B 211 9.47 -26.71 -3.74
N LYS B 212 10.00 -26.16 -4.86
CA LYS B 212 10.60 -24.84 -4.83
C LYS B 212 9.56 -23.78 -4.54
N LEU B 213 8.40 -23.80 -5.23
CA LEU B 213 7.36 -22.80 -4.95
C LEU B 213 6.81 -22.99 -3.53
N ARG B 214 6.67 -24.25 -3.10
CA ARG B 214 6.19 -24.55 -1.75
C ARG B 214 7.11 -23.94 -0.68
N SER B 215 8.43 -24.06 -0.89
CA SER B 215 9.44 -23.53 0.02
C SER B 215 9.38 -22.03 0.13
N LEU B 216 9.27 -21.30 -1.00
CA LEU B 216 9.14 -19.84 -0.97
C LEU B 216 7.92 -19.41 -0.17
N CYS B 217 6.77 -20.08 -0.37
CA CYS B 217 5.54 -19.75 0.35
C CYS B 217 5.65 -20.02 1.81
N SER B 218 6.23 -21.19 2.16
CA SER B 218 6.41 -21.52 3.57
C SER B 218 7.36 -20.54 4.25
N GLN B 219 8.42 -20.10 3.57
CA GLN B 219 9.37 -19.16 4.17
C GLN B 219 8.69 -17.82 4.38
N HIS B 220 7.84 -17.37 3.44
CA HIS B 220 7.11 -16.10 3.60
C HIS B 220 6.22 -16.15 4.86
N VAL B 221 5.51 -17.26 5.05
CA VAL B 221 4.63 -17.44 6.21
C VAL B 221 5.45 -17.40 7.51
N GLU B 222 6.61 -18.06 7.51
CA GLU B 222 7.50 -18.04 8.67
C GLU B 222 8.06 -16.63 8.97
N ARG B 223 8.52 -15.89 7.94
CA ARG B 223 9.04 -14.54 8.14
C ARG B 223 7.95 -13.58 8.63
N LEU B 224 6.70 -13.81 8.18
CA LEU B 224 5.58 -12.97 8.65
C LEU B 224 5.29 -13.25 10.12
N GLN B 225 5.39 -14.52 10.55
CA GLN B 225 5.22 -14.84 11.98
C GLN B 225 6.30 -14.15 12.83
N ILE B 226 7.56 -14.08 12.36
CA ILE B 226 8.64 -13.39 13.08
C ILE B 226 8.31 -11.89 13.13
N PHE B 227 7.86 -11.33 11.99
CA PHE B 227 7.50 -9.92 11.95
C PHE B 227 6.37 -9.60 12.93
N GLN B 228 5.32 -10.41 12.95
CA GLN B 228 4.16 -10.21 13.81
C GLN B 228 4.50 -10.28 15.29
N HIS B 229 5.56 -11.00 15.67
CA HIS B 229 5.99 -11.04 17.07
C HIS B 229 6.66 -9.72 17.44
N LEU B 230 7.47 -9.15 16.53
CA LEU B 230 8.18 -7.89 16.75
C LEU B 230 7.26 -6.67 16.66
N HIS B 231 6.24 -6.74 15.79
CA HIS B 231 5.31 -5.63 15.61
C HIS B 231 3.87 -6.15 15.57
N PRO B 232 3.31 -6.55 16.73
CA PRO B 232 1.98 -7.16 16.72
C PRO B 232 0.79 -6.26 16.42
N ILE B 233 0.91 -4.94 16.49
CA ILE B 233 -0.25 -4.07 16.22
C ILE B 233 -0.28 -3.59 14.77
N VAL B 234 0.88 -3.46 14.12
N VAL B 234 0.88 -3.42 14.09
CA VAL B 234 1.00 -3.02 12.72
CA VAL B 234 0.86 -2.92 12.71
C VAL B 234 0.13 -3.85 11.79
C VAL B 234 0.10 -3.85 11.77
N VAL B 235 0.16 -5.19 11.95
CA VAL B 235 -0.59 -6.10 11.08
C VAL B 235 -2.09 -5.89 11.17
N GLN B 236 -2.62 -5.85 12.40
CA GLN B 236 -4.06 -5.65 12.57
C GLN B 236 -4.50 -4.24 12.21
N ALA B 237 -3.59 -3.25 12.31
CA ALA B 237 -3.97 -1.87 11.98
C ALA B 237 -3.86 -1.49 10.54
N ALA B 238 -2.84 -1.97 9.83
CA ALA B 238 -2.55 -1.46 8.49
C ALA B 238 -2.44 -2.46 7.38
N PHE B 239 -2.18 -3.74 7.65
CA PHE B 239 -2.04 -4.71 6.57
C PHE B 239 -3.40 -5.02 5.95
N PRO B 240 -3.42 -5.34 4.64
CA PRO B 240 -4.70 -5.70 4.02
C PRO B 240 -5.30 -6.93 4.68
N PRO B 241 -6.61 -6.90 4.98
CA PRO B 241 -7.23 -8.07 5.63
C PRO B 241 -7.13 -9.37 4.83
N LEU B 242 -7.13 -9.28 3.48
CA LEU B 242 -6.96 -10.47 2.64
C LEU B 242 -5.58 -11.09 2.89
N TYR B 243 -4.54 -10.24 3.01
CA TYR B 243 -3.18 -10.68 3.29
C TYR B 243 -3.14 -11.43 4.64
N LYS B 244 -3.73 -10.85 5.70
CA LYS B 244 -3.74 -11.50 7.03
C LYS B 244 -4.49 -12.82 7.01
N GLU B 245 -5.56 -12.92 6.22
CA GLU B 245 -6.34 -14.15 6.12
C GLU B 245 -5.58 -15.26 5.36
N LEU B 246 -4.86 -14.91 4.28
CA LEU B 246 -4.13 -15.91 3.52
C LEU B 246 -2.85 -16.40 4.21
N PHE B 247 -2.18 -15.54 4.99
CA PHE B 247 -0.85 -15.88 5.48
C PHE B 247 -0.67 -15.88 7.00
N SER B 248 -1.62 -15.39 7.80
CA SER B 248 -1.49 -15.39 9.25
C SER B 248 -2.17 -16.64 9.80
N HIS C 3 -13.63 2.12 18.22
CA HIS C 3 -12.27 2.65 18.09
C HIS C 3 -11.22 1.65 18.54
N LYS C 4 -11.48 0.35 18.33
CA LYS C 4 -10.59 -0.73 18.76
C LYS C 4 -9.16 -0.58 18.24
N ILE C 5 -8.99 -0.22 16.97
CA ILE C 5 -7.64 -0.10 16.39
C ILE C 5 -6.89 1.11 16.96
N LEU C 6 -7.51 2.30 16.98
CA LEU C 6 -6.84 3.48 17.55
C LEU C 6 -6.43 3.23 19.00
N HIS C 7 -7.30 2.59 19.78
CA HIS C 7 -7.00 2.26 21.18
C HIS C 7 -5.74 1.40 21.29
N ARG C 8 -5.63 0.35 20.47
CA ARG C 8 -4.48 -0.54 20.50
C ARG C 8 -3.22 0.15 20.07
N LEU C 9 -3.30 1.05 19.06
CA LEU C 9 -2.12 1.79 18.61
C LEU C 9 -1.62 2.69 19.73
N LEU C 10 -2.54 3.31 20.49
CA LEU C 10 -2.19 4.21 21.59
C LEU C 10 -1.55 3.48 22.78
N GLN C 11 -1.90 2.21 22.98
CA GLN C 11 -1.34 1.44 24.10
C GLN C 11 -0.16 0.53 23.73
N ASP C 12 0.31 0.56 22.46
CA ASP C 12 1.41 -0.24 21.94
C ASP C 12 2.81 0.30 22.27
N SER C 13 3.61 -0.42 23.04
CA SER C 13 4.97 0.03 23.35
C SER C 13 5.97 -1.12 23.44
N GLU D 1 -6.92 -20.28 9.04
CA GLU D 1 -7.79 -20.16 10.19
C GLU D 1 -9.17 -19.63 9.80
N LYS D 2 -9.25 -18.59 8.95
CA LYS D 2 -10.55 -18.05 8.52
C LYS D 2 -10.57 -17.81 7.01
N HIS D 3 -11.75 -17.87 6.35
CA HIS D 3 -11.80 -17.59 4.92
C HIS D 3 -12.95 -16.69 4.50
N LYS D 4 -13.48 -15.87 5.43
CA LYS D 4 -14.60 -14.97 5.15
C LYS D 4 -14.35 -14.01 3.98
N ILE D 5 -13.15 -13.43 3.89
CA ILE D 5 -12.84 -12.48 2.81
C ILE D 5 -12.74 -13.18 1.45
N LEU D 6 -11.97 -14.28 1.35
CA LEU D 6 -11.87 -15.01 0.08
C LEU D 6 -13.24 -15.45 -0.42
N HIS D 7 -14.10 -15.92 0.50
CA HIS D 7 -15.45 -16.35 0.15
C HIS D 7 -16.24 -15.22 -0.48
N ARG D 8 -16.19 -14.02 0.11
CA ARG D 8 -16.94 -12.87 -0.40
C ARG D 8 -16.40 -12.39 -1.73
N LEU D 9 -15.08 -12.42 -1.92
CA LEU D 9 -14.48 -12.04 -3.19
C LEU D 9 -14.94 -12.99 -4.30
N LEU D 10 -15.03 -14.28 -3.99
CA LEU D 10 -15.43 -15.29 -4.97
C LEU D 10 -16.90 -15.20 -5.35
N GLN D 11 -17.76 -14.72 -4.44
CA GLN D 11 -19.20 -14.61 -4.71
C GLN D 11 -19.65 -13.22 -5.15
N ASP D 12 -18.72 -12.29 -5.34
CA ASP D 12 -18.99 -10.89 -5.74
C ASP D 12 -19.89 -10.80 -6.99
N SER D 13 -19.74 -11.72 -7.96
CA SER D 13 -20.57 -11.69 -9.14
C SER D 13 -21.91 -12.36 -8.86
#